data_4FSD
#
_entry.id   4FSD
#
_cell.length_a   85.246
_cell.length_b   46.762
_cell.length_c   100.528
_cell.angle_alpha   90.00
_cell.angle_beta   114.33
_cell.angle_gamma   90.00
#
_symmetry.space_group_name_H-M   'C 1 2 1'
#
loop_
_entity.id
_entity.type
_entity.pdbx_description
1 polymer 'Arsenic methyltransferase'
2 non-polymer ARSENIC
3 non-polymer 'CHLORIDE ION'
4 non-polymer 'CALCIUM ION'
5 water water
#
_entity_poly.entity_id   1
_entity_poly.type   'polypeptide(L)'
_entity_poly.pdbx_seq_one_letter_code
;MPCSCASGCQKSKNGGSTPSIRDHVADYYGKTLQSSADLKTSACKLAAAVPESHRKILADIADEVLEKFYGCGSTLPADG
SLEGATVLDLGCGTGRDVYLASKLVGEHGKVIGVDMLDNQLEVARKYVEYHAEKFFGSPSRSNVRFLKGFIENLATAEPE
GVPDSSVDIVISNCVCNLSTNKLALFKEIHRVLRDGGELYFSDVYADRRLSEAAQQDPILYGECLGGALYLEDFRRLVAE
AGFRDVRLVSVGPVDVSDPQLRKLVPDVQFYSCTFRCFKVATLEATREDYGQSATYLGGIGEEFKLDRFFTFPREKPVRV
DRNTAEIIRHSRLHQWFSVSAEQQHMGLFKANDSYALLHAPLSMQVEQLVSGAAALEHHHHHH
;
_entity_poly.pdbx_strand_id   A
#
# COMPACT_ATOMS: atom_id res chain seq x y z
N VAL A 50 -8.64 -11.16 -8.49
CA VAL A 50 -9.68 -10.45 -7.67
C VAL A 50 -10.18 -11.38 -6.56
N PRO A 51 -9.99 -10.97 -5.29
CA PRO A 51 -10.45 -11.83 -4.18
C PRO A 51 -11.97 -11.99 -4.19
N GLU A 52 -12.42 -13.20 -3.85
CA GLU A 52 -13.85 -13.55 -3.83
C GLU A 52 -14.73 -12.54 -3.10
N SER A 53 -14.29 -12.09 -1.94
CA SER A 53 -15.05 -11.13 -1.13
C SER A 53 -15.28 -9.80 -1.84
N HIS A 54 -14.52 -9.55 -2.89
CA HIS A 54 -14.68 -8.34 -3.65
C HIS A 54 -15.59 -8.53 -4.85
N ARG A 55 -15.72 -9.78 -5.29
CA ARG A 55 -16.43 -10.07 -6.55
C ARG A 55 -17.89 -9.59 -6.53
N LYS A 56 -18.59 -9.86 -5.45
CA LYS A 56 -19.99 -9.46 -5.33
C LYS A 56 -20.13 -7.95 -5.27
N ILE A 57 -19.13 -7.26 -4.71
CA ILE A 57 -19.19 -5.79 -4.65
C ILE A 57 -18.92 -5.14 -6.00
N LEU A 58 -17.97 -5.69 -6.77
CA LEU A 58 -17.68 -5.19 -8.12
C LEU A 58 -18.86 -5.41 -9.07
N ALA A 59 -19.62 -6.49 -8.85
CA ALA A 59 -20.81 -6.77 -9.63
C ALA A 59 -21.86 -5.69 -9.42
N ASP A 60 -21.80 -5.02 -8.28
CA ASP A 60 -22.72 -3.94 -7.96
C ASP A 60 -22.20 -2.57 -8.40
N ILE A 61 -20.95 -2.51 -8.86
CA ILE A 61 -20.40 -1.23 -9.26
C ILE A 61 -20.80 -0.90 -10.71
N ALA A 62 -21.01 0.38 -11.00
CA ALA A 62 -21.52 0.84 -12.31
C ALA A 62 -20.68 0.39 -13.49
N ASP A 63 -21.33 -0.15 -14.51
CA ASP A 63 -20.60 -0.76 -15.61
C ASP A 63 -19.67 0.24 -16.28
N GLU A 64 -20.08 1.51 -16.39
CA GLU A 64 -19.26 2.53 -17.01
C GLU A 64 -17.95 2.77 -16.22
N VAL A 65 -18.02 2.67 -14.90
CA VAL A 65 -16.81 2.78 -14.07
C VAL A 65 -15.86 1.62 -14.37
N LEU A 66 -16.39 0.40 -14.41
CA LEU A 66 -15.57 -0.77 -14.70
C LEU A 66 -14.99 -0.73 -16.11
N GLU A 67 -15.83 -0.44 -17.11
CA GLU A 67 -15.44 -0.39 -18.52
C GLU A 67 -14.33 0.64 -18.82
N LYS A 68 -14.36 1.81 -18.20
CA LYS A 68 -13.40 2.86 -18.55
C LYS A 68 -12.20 2.95 -17.58
N PHE A 69 -12.17 2.08 -16.57
CA PHE A 69 -11.13 2.13 -15.56
C PHE A 69 -9.72 1.96 -16.15
N TYR A 70 -8.85 2.92 -15.86
CA TYR A 70 -7.45 2.85 -16.30
C TYR A 70 -6.61 2.02 -15.30
N GLY A 71 -5.90 1.01 -15.81
CA GLY A 71 -4.93 0.25 -15.01
C GLY A 71 -5.43 -0.96 -14.24
N CYS A 72 -4.63 -1.40 -13.27
CA CYS A 72 -4.99 -2.55 -12.45
C CYS A 72 -5.47 -2.06 -11.08
N GLY A 73 -6.28 -2.89 -10.42
CA GLY A 73 -6.85 -2.56 -9.12
C GLY A 73 -5.81 -2.34 -8.02
N SER A 74 -6.05 -1.33 -7.21
CA SER A 74 -5.24 -1.13 -6.01
C SER A 74 -5.55 -2.28 -5.03
N THR A 75 -4.52 -3.00 -4.58
CA THR A 75 -4.69 -4.06 -3.59
C THR A 75 -5.01 -3.47 -2.20
N LEU A 76 -5.80 -4.20 -1.42
CA LEU A 76 -6.27 -3.67 -0.16
C LEU A 76 -5.81 -4.55 1.00
N PRO A 77 -5.59 -3.95 2.16
CA PRO A 77 -5.39 -4.71 3.41
C PRO A 77 -6.62 -5.56 3.70
N ALA A 78 -6.51 -6.55 4.60
CA ALA A 78 -7.63 -7.46 4.89
C ALA A 78 -8.94 -6.67 5.10
N ASP A 79 -10.03 -7.14 4.47
CA ASP A 79 -11.31 -6.42 4.45
C ASP A 79 -11.74 -5.92 5.81
N GLY A 80 -11.65 -6.81 6.80
CA GLY A 80 -12.05 -6.50 8.15
C GLY A 80 -11.34 -5.33 8.75
N SER A 81 -10.06 -5.14 8.41
CA SER A 81 -9.23 -4.04 8.95
C SER A 81 -9.62 -2.71 8.37
N LEU A 82 -10.42 -2.74 7.30
CA LEU A 82 -10.86 -1.51 6.64
C LEU A 82 -12.04 -0.79 7.32
N GLU A 83 -12.73 -1.47 8.23
CA GLU A 83 -13.94 -0.87 8.82
C GLU A 83 -13.71 0.47 9.51
N GLY A 84 -14.44 1.49 9.06
CA GLY A 84 -14.30 2.85 9.58
C GLY A 84 -13.06 3.67 9.22
N ALA A 85 -12.19 3.13 8.36
CA ALA A 85 -10.95 3.82 8.01
C ALA A 85 -11.17 4.91 6.97
N THR A 86 -10.23 5.84 6.89
CA THR A 86 -10.17 6.81 5.81
C THR A 86 -9.13 6.27 4.82
N VAL A 87 -9.56 6.07 3.57
CA VAL A 87 -8.68 5.44 2.54
C VAL A 87 -8.46 6.45 1.42
N LEU A 88 -7.20 6.62 1.00
CA LEU A 88 -6.90 7.46 -0.14
C LEU A 88 -6.26 6.67 -1.27
N ASP A 89 -6.86 6.71 -2.47
CA ASP A 89 -6.38 6.00 -3.66
C ASP A 89 -5.70 6.99 -4.59
N LEU A 90 -4.38 6.82 -4.82
CA LEU A 90 -3.65 7.73 -5.69
C LEU A 90 -3.70 7.21 -7.12
N GLY A 91 -4.20 8.02 -8.04
CA GLY A 91 -4.46 7.56 -9.41
C GLY A 91 -5.69 6.68 -9.44
N CYS A 92 -6.79 7.28 -8.98
CA CYS A 92 -8.06 6.56 -8.78
C CYS A 92 -8.82 6.27 -10.07
N GLY A 93 -8.48 6.95 -11.17
CA GLY A 93 -9.14 6.67 -12.45
C GLY A 93 -10.63 6.94 -12.34
N THR A 94 -11.46 6.05 -12.91
CA THR A 94 -12.93 6.16 -12.86
C THR A 94 -13.53 5.78 -11.50
N GLY A 95 -12.69 5.31 -10.58
CA GLY A 95 -13.11 5.10 -9.19
C GLY A 95 -13.43 3.66 -8.79
N ARG A 96 -13.06 2.68 -9.61
CA ARG A 96 -13.28 1.27 -9.34
C ARG A 96 -12.87 0.88 -7.91
N ASP A 97 -11.67 1.26 -7.52
CA ASP A 97 -11.17 0.88 -6.19
C ASP A 97 -11.74 1.75 -5.09
N VAL A 98 -12.01 3.02 -5.41
CA VAL A 98 -12.60 3.94 -4.45
C VAL A 98 -14.02 3.44 -4.09
N TYR A 99 -14.79 3.02 -5.10
CA TYR A 99 -16.10 2.45 -4.83
C TYR A 99 -16.05 1.11 -4.10
N LEU A 100 -15.10 0.24 -4.45
CA LEU A 100 -14.94 -1.02 -3.76
C LEU A 100 -14.61 -0.75 -2.29
N ALA A 101 -13.61 0.10 -2.06
CA ALA A 101 -13.31 0.55 -0.69
C ALA A 101 -14.50 1.22 0.03
N SER A 102 -15.31 1.99 -0.70
CA SER A 102 -16.51 2.63 -0.18
C SER A 102 -17.36 1.70 0.67
N LYS A 103 -17.72 0.57 0.08
CA LYS A 103 -18.42 -0.52 0.74
C LYS A 103 -17.62 -1.12 1.91
N LEU A 104 -16.34 -1.43 1.65
CA LEU A 104 -15.54 -2.10 2.66
C LEU A 104 -15.32 -1.25 3.90
N VAL A 105 -15.17 0.06 3.77
CA VAL A 105 -14.97 0.92 4.95
C VAL A 105 -16.30 1.20 5.66
N GLY A 106 -17.41 0.93 4.97
CA GLY A 106 -18.74 1.19 5.53
C GLY A 106 -19.02 2.64 5.84
N GLU A 107 -20.17 2.89 6.47
CA GLU A 107 -20.69 4.25 6.53
C GLU A 107 -19.88 5.18 7.44
N HIS A 108 -19.14 4.62 8.39
CA HIS A 108 -18.27 5.45 9.23
C HIS A 108 -16.87 5.65 8.65
N GLY A 109 -16.55 4.90 7.60
CA GLY A 109 -15.31 5.14 6.84
C GLY A 109 -15.47 6.22 5.76
N LYS A 110 -14.37 6.58 5.11
CA LYS A 110 -14.41 7.54 4.01
C LYS A 110 -13.37 7.12 2.98
N VAL A 111 -13.64 7.38 1.71
CA VAL A 111 -12.66 7.08 0.68
C VAL A 111 -12.45 8.33 -0.16
N ILE A 112 -11.19 8.64 -0.49
CA ILE A 112 -10.84 9.78 -1.30
C ILE A 112 -10.08 9.25 -2.52
N GLY A 113 -10.47 9.66 -3.72
CA GLY A 113 -9.69 9.31 -4.92
C GLY A 113 -9.02 10.54 -5.49
N VAL A 114 -7.78 10.40 -5.99
CA VAL A 114 -7.06 11.54 -6.56
C VAL A 114 -6.60 11.16 -7.95
N ASP A 115 -6.83 12.02 -8.93
CA ASP A 115 -6.27 11.78 -10.26
C ASP A 115 -6.14 13.08 -11.03
N MET A 116 -5.44 13.02 -12.15
CA MET A 116 -5.20 14.20 -13.00
C MET A 116 -5.87 14.00 -14.35
N LEU A 117 -6.43 12.83 -14.59
CA LEU A 117 -7.09 12.53 -15.86
C LEU A 117 -8.54 13.01 -15.88
N ASP A 118 -8.73 14.20 -16.41
CA ASP A 118 -10.06 14.78 -16.67
C ASP A 118 -11.21 13.81 -17.01
N ASN A 119 -11.07 12.97 -18.05
CA ASN A 119 -12.17 12.07 -18.44
C ASN A 119 -12.47 10.98 -17.42
N GLN A 120 -11.42 10.38 -16.87
CA GLN A 120 -11.55 9.41 -15.76
C GLN A 120 -12.38 9.98 -14.60
N LEU A 121 -11.98 11.15 -14.11
CA LEU A 121 -12.62 11.79 -12.96
C LEU A 121 -14.07 12.16 -13.23
N GLU A 122 -14.33 12.61 -14.47
CA GLU A 122 -15.68 12.97 -14.88
C GLU A 122 -16.60 11.77 -14.70
N VAL A 123 -16.15 10.59 -15.12
CA VAL A 123 -16.90 9.36 -14.94
C VAL A 123 -17.06 9.05 -13.45
N ALA A 124 -15.96 9.16 -12.71
CA ALA A 124 -15.94 8.87 -11.28
C ALA A 124 -17.03 9.65 -10.58
N ARG A 125 -17.04 10.97 -10.84
CA ARG A 125 -17.88 11.93 -10.14
C ARG A 125 -19.39 11.80 -10.46
N LYS A 126 -19.73 11.14 -11.58
CA LYS A 126 -21.13 10.93 -11.99
C LYS A 126 -21.80 9.83 -11.20
N TYR A 127 -21.01 8.98 -10.56
CA TYR A 127 -21.57 7.81 -9.94
C TYR A 127 -21.53 7.81 -8.41
N VAL A 128 -21.34 8.99 -7.84
CA VAL A 128 -21.31 9.16 -6.39
C VAL A 128 -22.67 8.74 -5.80
N GLU A 129 -23.75 9.35 -6.31
CA GLU A 129 -25.09 9.05 -5.80
C GLU A 129 -25.45 7.60 -6.07
N TYR A 130 -25.11 7.14 -7.27
CA TYR A 130 -25.37 5.77 -7.66
C TYR A 130 -24.92 4.77 -6.63
N HIS A 131 -23.66 4.89 -6.18
CA HIS A 131 -23.09 3.86 -5.32
C HIS A 131 -23.49 4.03 -3.86
N ALA A 132 -23.79 5.26 -3.48
CA ALA A 132 -24.42 5.57 -2.18
C ALA A 132 -25.76 4.85 -2.02
N GLU A 133 -26.61 4.94 -3.05
CA GLU A 133 -27.88 4.18 -3.11
C GLU A 133 -27.57 2.70 -3.00
N LYS A 134 -26.69 2.23 -3.88
CA LYS A 134 -26.30 0.82 -3.95
C LYS A 134 -25.84 0.23 -2.62
N PHE A 135 -24.95 0.95 -1.96
CA PHE A 135 -24.27 0.41 -0.79
C PHE A 135 -24.98 0.74 0.52
N PHE A 136 -25.50 1.95 0.58
CA PHE A 136 -25.98 2.52 1.83
C PHE A 136 -27.50 2.81 1.88
N GLY A 137 -28.16 2.78 0.71
CA GLY A 137 -29.61 2.89 0.63
C GLY A 137 -30.15 4.25 0.21
N SER A 138 -29.31 5.28 0.25
CA SER A 138 -29.75 6.63 -0.10
C SER A 138 -28.73 7.37 -0.95
N PRO A 139 -29.18 8.15 -1.96
CA PRO A 139 -28.25 8.85 -2.84
C PRO A 139 -27.42 9.91 -2.13
N SER A 140 -27.85 10.32 -0.93
CA SER A 140 -27.21 11.41 -0.19
C SER A 140 -26.14 10.92 0.79
N ARG A 141 -26.03 9.60 0.93
CA ARG A 141 -25.20 8.95 1.95
C ARG A 141 -23.83 8.47 1.39
N SER A 142 -23.23 9.24 0.50
CA SER A 142 -21.91 8.89 -0.02
C SER A 142 -20.80 9.14 0.99
N ASN A 143 -19.84 8.21 1.02
CA ASN A 143 -18.63 8.36 1.83
C ASN A 143 -17.39 8.48 0.95
N VAL A 144 -17.58 8.91 -0.30
CA VAL A 144 -16.45 9.08 -1.22
C VAL A 144 -16.38 10.49 -1.77
N ARG A 145 -15.18 10.92 -2.16
CA ARG A 145 -14.99 12.17 -2.87
C ARG A 145 -13.80 12.04 -3.85
N PHE A 146 -13.88 12.74 -4.97
CA PHE A 146 -12.86 12.65 -5.99
C PHE A 146 -12.22 14.02 -6.16
N LEU A 147 -10.89 14.03 -6.20
CA LEU A 147 -10.14 15.26 -6.26
C LEU A 147 -9.20 15.24 -7.43
N LYS A 148 -9.05 16.40 -8.06
CA LYS A 148 -8.25 16.57 -9.25
C LYS A 148 -6.93 17.20 -8.86
N GLY A 149 -5.83 16.54 -9.24
CA GLY A 149 -4.54 17.05 -8.84
C GLY A 149 -3.42 16.09 -9.14
N PHE A 150 -2.20 16.59 -9.04
CA PHE A 150 -1.01 15.74 -9.17
C PHE A 150 -0.87 15.00 -7.85
N ILE A 151 -0.49 13.72 -7.91
CA ILE A 151 -0.30 12.96 -6.67
C ILE A 151 0.90 13.46 -5.85
N GLU A 152 1.81 14.17 -6.52
CA GLU A 152 3.01 14.78 -5.90
C GLU A 152 2.68 15.92 -4.96
N ASN A 153 1.49 16.49 -5.11
CA ASN A 153 1.05 17.56 -4.22
C ASN A 153 -0.43 17.50 -3.90
N LEU A 154 -0.77 16.69 -2.90
CA LEU A 154 -2.15 16.49 -2.51
C LEU A 154 -2.75 17.72 -1.83
N ALA A 155 -1.89 18.61 -1.34
CA ALA A 155 -2.34 19.81 -0.61
C ALA A 155 -3.15 20.77 -1.51
N THR A 156 -2.86 20.78 -2.81
CA THR A 156 -3.51 21.71 -3.73
C THR A 156 -4.48 21.05 -4.73
N ALA A 157 -4.93 19.84 -4.42
CA ALA A 157 -5.98 19.23 -5.23
C ALA A 157 -7.28 20.03 -5.15
N GLU A 158 -8.14 19.83 -6.16
CA GLU A 158 -9.49 20.44 -6.20
C GLU A 158 -10.59 19.40 -6.14
N PRO A 159 -11.77 19.74 -5.54
CA PRO A 159 -12.14 21.04 -4.96
C PRO A 159 -11.35 21.40 -3.69
N GLU A 160 -10.89 20.40 -2.96
CA GLU A 160 -10.14 20.62 -1.72
C GLU A 160 -8.85 19.80 -1.67
N GLY A 161 -7.94 20.22 -0.80
CA GLY A 161 -6.70 19.50 -0.55
C GLY A 161 -6.82 18.45 0.54
N VAL A 162 -5.82 17.59 0.62
CA VAL A 162 -5.81 16.57 1.64
C VAL A 162 -4.97 17.10 2.80
N PRO A 163 -5.60 17.30 3.96
CA PRO A 163 -4.86 17.90 5.10
C PRO A 163 -3.87 16.95 5.74
N ASP A 164 -2.92 17.52 6.49
CA ASP A 164 -1.99 16.73 7.29
C ASP A 164 -2.74 15.69 8.11
N SER A 165 -2.13 14.52 8.31
CA SER A 165 -2.60 13.55 9.30
C SER A 165 -4.10 13.26 9.26
N SER A 166 -4.62 12.99 8.06
CA SER A 166 -6.07 12.78 7.86
C SER A 166 -6.47 11.44 7.26
N VAL A 167 -5.48 10.61 6.92
CA VAL A 167 -5.71 9.37 6.19
C VAL A 167 -5.13 8.21 6.98
N ASP A 168 -5.90 7.11 7.02
CA ASP A 168 -5.46 5.87 7.63
C ASP A 168 -4.69 4.96 6.68
N ILE A 169 -5.16 4.85 5.42
CA ILE A 169 -4.55 3.94 4.45
C ILE A 169 -4.39 4.67 3.12
N VAL A 170 -3.20 4.66 2.55
CA VAL A 170 -3.01 5.18 1.20
C VAL A 170 -2.74 3.95 0.36
N ILE A 171 -3.48 3.81 -0.74
CA ILE A 171 -3.30 2.70 -1.66
C ILE A 171 -2.97 3.27 -3.04
N SER A 172 -2.33 2.43 -3.86
CA SER A 172 -1.98 2.81 -5.23
C SER A 172 -1.37 1.60 -5.90
N ASN A 173 -1.52 1.52 -7.21
CA ASN A 173 -0.94 0.42 -7.94
C ASN A 173 -0.24 1.00 -9.16
N CYS A 174 1.07 0.82 -9.18
CA CYS A 174 1.92 1.15 -10.33
C CYS A 174 1.89 2.63 -10.74
N VAL A 175 1.98 3.51 -9.74
CA VAL A 175 1.96 4.96 -9.99
C VAL A 175 3.33 5.63 -9.85
N CYS A 176 4.28 4.97 -9.20
CA CYS A 176 5.51 5.64 -8.81
C CYS A 176 6.51 5.84 -9.95
N ASN A 177 6.49 4.94 -10.92
CA ASN A 177 7.60 4.95 -11.89
C ASN A 177 7.38 5.90 -13.03
N LEU A 178 6.17 6.48 -13.03
CA LEU A 178 5.78 7.57 -13.93
C LEU A 178 5.68 8.83 -13.12
N SER A 179 5.86 8.76 -11.79
CA SER A 179 5.82 9.99 -11.00
C SER A 179 6.97 10.91 -11.43
N THR A 180 6.74 12.22 -11.27
CA THR A 180 7.69 13.23 -11.70
C THR A 180 8.80 13.42 -10.67
N ASN A 181 8.52 12.98 -9.44
CA ASN A 181 9.43 13.19 -8.31
C ASN A 181 9.10 12.19 -7.21
N LYS A 182 9.79 11.04 -7.15
CA LYS A 182 9.40 10.02 -6.15
C LYS A 182 9.54 10.49 -4.71
N LEU A 183 10.67 11.13 -4.39
CA LEU A 183 10.87 11.62 -3.05
C LEU A 183 9.72 12.52 -2.61
N ALA A 184 9.32 13.44 -3.48
CA ALA A 184 8.24 14.38 -3.12
C ALA A 184 6.91 13.63 -2.93
N LEU A 185 6.66 12.63 -3.77
CA LEU A 185 5.50 11.77 -3.62
C LEU A 185 5.51 11.07 -2.25
N PHE A 186 6.62 10.42 -1.90
CA PHE A 186 6.67 9.70 -0.63
C PHE A 186 6.51 10.66 0.55
N LYS A 187 7.10 11.83 0.43
CA LYS A 187 6.95 12.85 1.49
C LYS A 187 5.48 13.31 1.66
N GLU A 188 4.78 13.50 0.55
CA GLU A 188 3.36 13.83 0.56
C GLU A 188 2.52 12.71 1.15
N ILE A 189 2.79 11.45 0.80
CA ILE A 189 2.10 10.33 1.49
C ILE A 189 2.31 10.37 3.01
N HIS A 190 3.56 10.52 3.45
CA HIS A 190 3.86 10.60 4.87
C HIS A 190 3.10 11.74 5.56
N ARG A 191 3.00 12.90 4.91
CA ARG A 191 2.30 14.06 5.45
C ARG A 191 0.80 13.79 5.72
N VAL A 192 0.12 13.16 4.77
CA VAL A 192 -1.32 12.99 4.90
C VAL A 192 -1.68 11.80 5.80
N LEU A 193 -0.75 10.86 5.97
CA LEU A 193 -1.06 9.75 6.85
C LEU A 193 -1.10 10.27 8.28
N ARG A 194 -2.07 9.78 9.06
CA ARG A 194 -2.00 10.00 10.50
C ARG A 194 -1.05 9.00 11.18
N ASP A 195 -0.72 9.21 12.46
CA ASP A 195 0.14 8.27 13.16
C ASP A 195 -0.57 6.94 13.22
N GLY A 196 0.15 5.89 12.85
CA GLY A 196 -0.41 4.57 12.84
C GLY A 196 -1.01 4.19 11.48
N GLY A 197 -1.12 5.15 10.57
CA GLY A 197 -1.59 4.88 9.20
C GLY A 197 -0.53 4.14 8.37
N GLU A 198 -0.90 3.61 7.21
CA GLU A 198 0.08 2.90 6.37
C GLU A 198 -0.14 3.23 4.89
N LEU A 199 0.97 3.25 4.16
CA LEU A 199 1.01 3.19 2.71
C LEU A 199 1.03 1.70 2.35
N TYR A 200 0.02 1.23 1.64
CA TYR A 200 -0.14 -0.23 1.37
C TYR A 200 -0.31 -0.20 -0.13
N PHE A 201 0.76 -0.57 -0.85
CA PHE A 201 0.83 -0.24 -2.30
C PHE A 201 1.62 -1.25 -3.11
N SER A 202 1.38 -1.30 -4.41
CA SER A 202 2.08 -2.22 -5.26
C SER A 202 2.77 -1.43 -6.35
N ASP A 203 3.98 -1.85 -6.68
CA ASP A 203 4.73 -1.20 -7.73
C ASP A 203 5.82 -2.11 -8.25
N VAL A 204 6.48 -1.67 -9.32
CA VAL A 204 7.52 -2.42 -9.96
C VAL A 204 8.89 -1.89 -9.49
N TYR A 205 9.78 -2.81 -9.12
CA TYR A 205 11.11 -2.55 -8.62
C TYR A 205 12.09 -3.42 -9.41
N ALA A 206 13.34 -3.04 -9.37
CA ALA A 206 14.40 -3.76 -10.06
C ALA A 206 15.37 -4.28 -9.02
N ASP A 207 16.05 -5.39 -9.37
CA ASP A 207 17.14 -5.98 -8.53
C ASP A 207 18.52 -5.31 -8.76
N ARG A 208 18.56 -4.25 -9.56
CA ARG A 208 19.81 -3.53 -9.79
C ARG A 208 19.49 -2.16 -10.43
N ARG A 209 20.48 -1.31 -10.48
CA ARG A 209 20.29 0.04 -10.97
C ARG A 209 20.26 0.02 -12.50
N LEU A 210 19.18 0.54 -13.10
CA LEU A 210 19.06 0.54 -14.57
C LEU A 210 20.07 1.54 -15.18
N SER A 211 20.52 1.25 -16.39
CA SER A 211 21.40 2.15 -17.12
C SER A 211 20.67 3.41 -17.54
N GLU A 212 21.47 4.42 -17.86
CA GLU A 212 20.90 5.63 -18.46
C GLU A 212 20.08 5.36 -19.70
N ALA A 213 20.59 4.49 -20.59
CA ALA A 213 19.88 4.12 -21.82
C ALA A 213 18.50 3.51 -21.54
N ALA A 214 18.42 2.65 -20.52
CA ALA A 214 17.17 2.08 -20.17
C ALA A 214 16.25 3.15 -19.60
N GLN A 215 16.80 4.05 -18.82
CA GLN A 215 16.01 5.11 -18.20
C GLN A 215 15.46 6.13 -19.19
N GLN A 216 15.99 6.11 -20.41
CA GLN A 216 15.58 7.05 -21.44
C GLN A 216 14.61 6.40 -22.41
N ASP A 217 14.45 5.08 -22.35
CA ASP A 217 13.69 4.43 -23.39
C ASP A 217 12.17 4.66 -23.24
N PRO A 218 11.48 5.14 -24.29
CA PRO A 218 10.05 5.49 -24.00
C PRO A 218 9.12 4.29 -23.84
N ILE A 219 9.46 3.14 -24.42
CA ILE A 219 8.60 1.96 -24.22
C ILE A 219 8.78 1.37 -22.80
N LEU A 220 10.03 1.16 -22.39
CA LEU A 220 10.30 0.84 -20.99
C LEU A 220 9.63 1.82 -20.01
N TYR A 221 9.76 3.12 -20.27
CA TYR A 221 9.10 4.11 -19.42
C TYR A 221 7.59 3.88 -19.30
N GLY A 222 6.91 3.75 -20.44
CA GLY A 222 5.44 3.60 -20.44
C GLY A 222 4.99 2.29 -19.78
N GLU A 223 5.89 1.33 -19.73
CA GLU A 223 5.59 0.05 -19.15
C GLU A 223 5.89 0.05 -17.66
N CYS A 224 6.24 1.21 -17.10
CA CYS A 224 6.64 1.31 -15.67
C CYS A 224 7.90 0.54 -15.28
N LEU A 225 8.73 0.19 -16.25
CA LEU A 225 10.01 -0.43 -16.02
C LEU A 225 11.12 0.58 -16.00
N GLY A 226 11.09 1.55 -16.92
CA GLY A 226 12.23 2.46 -17.10
C GLY A 226 12.50 3.28 -15.85
N GLY A 227 11.44 3.61 -15.13
CA GLY A 227 11.49 4.48 -13.94
C GLY A 227 11.58 3.68 -12.63
N ALA A 228 11.72 2.35 -12.74
CA ALA A 228 11.81 1.50 -11.56
C ALA A 228 13.08 1.74 -10.73
N LEU A 229 12.92 1.83 -9.42
CA LEU A 229 14.08 1.89 -8.55
C LEU A 229 14.62 0.50 -8.24
N TYR A 230 15.94 0.47 -8.12
CA TYR A 230 16.58 -0.62 -7.36
C TYR A 230 16.03 -0.68 -5.96
N LEU A 231 15.75 -1.89 -5.52
CA LEU A 231 15.12 -2.13 -4.20
C LEU A 231 15.80 -1.43 -3.05
N GLU A 232 17.13 -1.45 -3.01
CA GLU A 232 17.81 -0.75 -1.89
C GLU A 232 17.72 0.76 -2.00
N ASP A 233 17.70 1.28 -3.23
CA ASP A 233 17.53 2.74 -3.43
C ASP A 233 16.13 3.16 -3.00
N PHE A 234 15.15 2.33 -3.33
CA PHE A 234 13.79 2.53 -2.81
C PHE A 234 13.75 2.57 -1.28
N ARG A 235 14.42 1.58 -0.65
CA ARG A 235 14.43 1.51 0.81
C ARG A 235 14.98 2.83 1.43
N ARG A 236 16.05 3.36 0.85
CA ARG A 236 16.69 4.55 1.38
C ARG A 236 15.81 5.79 1.11
N LEU A 237 15.18 5.81 -0.07
CA LEU A 237 14.36 6.98 -0.46
C LEU A 237 13.15 7.08 0.44
N VAL A 238 12.50 5.95 0.69
CA VAL A 238 11.27 6.05 1.50
C VAL A 238 11.63 6.34 2.94
N ALA A 239 12.81 5.89 3.37
CA ALA A 239 13.29 6.18 4.73
C ALA A 239 13.56 7.69 4.84
N GLU A 240 14.11 8.28 3.80
CA GLU A 240 14.28 9.77 3.82
C GLU A 240 12.93 10.50 3.95
N ALA A 241 11.87 9.94 3.35
CA ALA A 241 10.55 10.54 3.42
C ALA A 241 9.87 10.29 4.77
N GLY A 242 10.45 9.42 5.59
CA GLY A 242 9.97 9.18 6.96
C GLY A 242 9.43 7.78 7.27
N PHE A 243 9.55 6.86 6.32
CA PHE A 243 9.09 5.47 6.52
C PHE A 243 10.27 4.59 6.83
N ARG A 244 10.46 4.31 8.11
CA ARG A 244 11.69 3.69 8.54
C ARG A 244 11.63 2.16 8.48
N ASP A 245 10.46 1.61 8.14
CA ASP A 245 10.30 0.14 8.21
C ASP A 245 9.43 -0.37 7.08
N VAL A 246 10.04 -1.05 6.11
CA VAL A 246 9.32 -1.48 4.91
C VAL A 246 8.99 -2.93 5.05
N ARG A 247 7.69 -3.30 4.94
CA ARG A 247 7.30 -4.68 5.12
C ARG A 247 6.78 -5.24 3.80
N LEU A 248 7.38 -6.35 3.43
CA LEU A 248 6.99 -7.06 2.21
C LEU A 248 5.75 -7.90 2.45
N VAL A 249 4.70 -7.62 1.68
CA VAL A 249 3.40 -8.33 1.72
C VAL A 249 3.40 -9.44 0.66
N SER A 250 3.77 -9.10 -0.58
CA SER A 250 3.84 -10.12 -1.63
C SER A 250 4.71 -9.65 -2.79
N VAL A 251 5.12 -10.62 -3.59
CA VAL A 251 5.96 -10.30 -4.74
C VAL A 251 5.63 -11.25 -5.89
N GLY A 252 5.57 -10.71 -7.09
CA GLY A 252 5.53 -11.53 -8.32
C GLY A 252 6.61 -11.10 -9.31
N PRO A 253 7.07 -12.03 -10.19
CA PRO A 253 8.06 -11.64 -11.21
C PRO A 253 7.42 -10.79 -12.30
N VAL A 254 8.20 -9.92 -12.90
CA VAL A 254 7.72 -9.15 -14.05
C VAL A 254 8.74 -9.41 -15.13
N ASP A 255 8.29 -9.83 -16.32
CA ASP A 255 9.23 -10.25 -17.37
C ASP A 255 9.29 -9.25 -18.49
N VAL A 256 10.47 -9.12 -19.09
CA VAL A 256 10.66 -8.34 -20.29
C VAL A 256 11.08 -9.38 -21.31
N SER A 257 10.19 -9.67 -22.25
CA SER A 257 10.47 -10.72 -23.23
C SER A 257 10.89 -10.16 -24.59
N ASP A 258 10.46 -8.94 -24.91
CA ASP A 258 10.88 -8.29 -26.19
C ASP A 258 12.42 -8.23 -26.25
N PRO A 259 13.02 -8.91 -27.24
CA PRO A 259 14.48 -9.05 -27.17
C PRO A 259 15.24 -7.73 -27.36
N GLN A 260 14.62 -6.78 -28.05
CA GLN A 260 15.20 -5.45 -28.26
C GLN A 260 15.28 -4.70 -26.93
N LEU A 261 14.15 -4.63 -26.22
CA LEU A 261 14.11 -3.97 -24.90
C LEU A 261 14.95 -4.68 -23.87
N ARG A 262 14.98 -6.01 -23.89
CA ARG A 262 15.77 -6.75 -22.93
C ARG A 262 17.26 -6.41 -23.09
N LYS A 263 17.68 -6.05 -24.30
CA LYS A 263 19.08 -5.63 -24.49
C LYS A 263 19.41 -4.36 -23.71
N LEU A 264 18.40 -3.55 -23.38
CA LEU A 264 18.64 -2.33 -22.55
C LEU A 264 18.73 -2.66 -21.05
N VAL A 265 18.16 -3.80 -20.66
CA VAL A 265 18.16 -4.23 -19.25
C VAL A 265 18.53 -5.72 -19.15
N PRO A 266 19.73 -6.09 -19.66
CA PRO A 266 19.91 -7.51 -20.04
C PRO A 266 19.68 -8.54 -18.92
N ASP A 267 20.30 -8.32 -17.79
CA ASP A 267 20.20 -9.24 -16.66
C ASP A 267 19.40 -8.68 -15.49
N VAL A 268 18.63 -7.62 -15.73
CA VAL A 268 17.82 -7.02 -14.69
C VAL A 268 16.63 -7.94 -14.36
N GLN A 269 16.39 -8.17 -13.06
CA GLN A 269 15.18 -8.89 -12.66
C GLN A 269 14.23 -7.88 -12.09
N PHE A 270 13.06 -7.80 -12.70
CA PHE A 270 11.99 -6.93 -12.21
C PHE A 270 10.96 -7.69 -11.40
N TYR A 271 10.39 -6.98 -10.45
CA TYR A 271 9.38 -7.55 -9.54
C TYR A 271 8.25 -6.60 -9.33
N SER A 272 7.05 -7.15 -9.16
CA SER A 272 5.95 -6.34 -8.69
C SER A 272 5.83 -6.64 -7.20
N CYS A 273 6.08 -5.63 -6.37
CA CYS A 273 6.08 -5.85 -4.92
C CYS A 273 4.95 -5.08 -4.27
N THR A 274 4.27 -5.76 -3.36
CA THR A 274 3.32 -5.09 -2.48
C THR A 274 4.02 -4.89 -1.14
N PHE A 275 4.16 -3.62 -0.75
CA PHE A 275 4.77 -3.23 0.51
C PHE A 275 3.77 -2.54 1.37
N ARG A 276 3.96 -2.68 2.67
CA ARG A 276 3.24 -1.82 3.62
C ARG A 276 4.23 -1.03 4.45
N CYS A 277 4.07 0.27 4.46
CA CYS A 277 5.00 1.15 5.17
C CYS A 277 4.16 1.98 6.16
N PHE A 278 4.28 1.66 7.44
CA PHE A 278 3.52 2.35 8.51
C PHE A 278 4.23 3.63 8.90
N LYS A 279 3.43 4.63 9.24
CA LYS A 279 3.90 5.89 9.81
C LYS A 279 3.68 5.77 11.30
N VAL A 280 4.75 5.46 12.01
CA VAL A 280 4.69 5.24 13.46
C VAL A 280 5.95 5.86 14.03
N ALA A 281 5.76 6.86 14.90
CA ALA A 281 6.85 7.67 15.38
C ALA A 281 7.95 6.90 16.09
N THR A 282 7.58 5.81 16.73
CA THR A 282 8.52 5.07 17.57
C THR A 282 9.30 3.95 16.83
N LEU A 283 9.07 3.78 15.52
CA LEU A 283 9.87 2.82 14.76
C LEU A 283 11.35 3.17 14.74
N GLU A 284 12.20 2.15 14.87
CA GLU A 284 13.66 2.29 14.68
C GLU A 284 14.08 1.71 13.35
N ALA A 285 15.31 1.99 12.93
CA ALA A 285 15.87 1.43 11.69
C ALA A 285 16.06 -0.07 11.78
N THR A 286 16.15 -0.61 13.00
CA THR A 286 16.44 -2.03 13.15
C THR A 286 15.32 -2.73 13.93
N ARG A 287 15.39 -4.05 13.93
CA ARG A 287 14.32 -4.87 14.47
C ARG A 287 14.83 -5.54 15.77
N GLU A 288 14.46 -4.92 16.89
CA GLU A 288 15.01 -5.18 18.20
C GLU A 288 14.04 -5.97 19.06
N ASP A 289 14.60 -6.85 19.88
CA ASP A 289 13.78 -7.68 20.74
C ASP A 289 13.63 -7.05 22.10
N TYR A 290 12.37 -6.81 22.51
CA TYR A 290 12.09 -6.31 23.86
C TYR A 290 11.23 -7.30 24.61
N GLY A 291 11.34 -8.58 24.22
CA GLY A 291 10.70 -9.70 24.87
C GLY A 291 9.21 -9.80 24.65
N GLN A 292 8.68 -9.09 23.67
CA GLN A 292 7.21 -8.99 23.49
C GLN A 292 6.58 -10.14 22.71
N SER A 293 5.29 -10.36 22.99
CA SER A 293 4.46 -11.23 22.14
C SER A 293 3.23 -10.44 21.72
N ALA A 294 2.67 -10.79 20.57
CA ALA A 294 1.37 -10.22 20.15
C ALA A 294 0.44 -11.39 19.90
N THR A 295 -0.82 -11.21 20.30
CA THR A 295 -1.81 -12.26 20.13
C THR A 295 -2.98 -11.65 19.40
N TYR A 296 -3.27 -12.24 18.25
CA TYR A 296 -4.38 -11.78 17.43
C TYR A 296 -5.66 -12.32 18.13
N LEU A 297 -6.63 -11.43 18.31
CA LEU A 297 -7.83 -11.78 19.12
C LEU A 297 -8.97 -12.39 18.30
N GLY A 298 -8.84 -12.39 16.97
CA GLY A 298 -9.91 -12.81 16.07
C GLY A 298 -10.79 -11.68 15.60
N GLY A 299 -11.66 -11.97 14.64
CA GLY A 299 -12.69 -11.00 14.31
C GLY A 299 -12.58 -10.39 12.93
N ILE A 300 -11.39 -10.47 12.34
CA ILE A 300 -11.19 -10.07 10.95
C ILE A 300 -10.55 -11.20 10.13
N GLY A 301 -10.89 -12.44 10.51
CA GLY A 301 -10.44 -13.64 9.80
C GLY A 301 -9.89 -14.73 10.71
N GLU A 302 -9.66 -15.91 10.16
CA GLU A 302 -9.11 -17.00 10.97
C GLU A 302 -7.73 -16.67 11.53
N GLU A 303 -6.94 -15.93 10.74
CA GLU A 303 -5.61 -15.53 11.17
C GLU A 303 -5.32 -14.17 10.60
N PHE A 304 -4.31 -13.47 11.13
CA PHE A 304 -3.97 -12.17 10.57
C PHE A 304 -2.54 -12.21 10.04
N LYS A 305 -2.36 -11.99 8.74
CA LYS A 305 -1.01 -11.97 8.14
C LYS A 305 -0.58 -10.52 8.01
N LEU A 306 0.39 -10.12 8.81
CA LEU A 306 0.88 -8.76 8.76
C LEU A 306 1.81 -8.57 7.54
N ASP A 307 2.70 -9.51 7.37
CA ASP A 307 3.66 -9.46 6.27
C ASP A 307 4.19 -10.87 6.02
N ARG A 308 5.18 -11.01 5.16
CA ARG A 308 5.67 -12.37 4.85
C ARG A 308 6.42 -13.00 6.03
N PHE A 309 6.75 -12.24 7.07
CA PHE A 309 7.47 -12.80 8.25
C PHE A 309 6.57 -13.12 9.46
N PHE A 310 5.46 -12.42 9.57
CA PHE A 310 4.60 -12.47 10.74
C PHE A 310 3.17 -12.86 10.40
N THR A 311 2.80 -14.10 10.79
CA THR A 311 1.40 -14.57 10.72
C THR A 311 0.95 -14.89 12.14
N PHE A 312 -0.25 -14.41 12.48
CA PHE A 312 -0.79 -14.46 13.85
C PHE A 312 -2.07 -15.30 13.87
N PRO A 313 -1.96 -16.56 14.28
CA PRO A 313 -3.20 -17.37 14.38
C PRO A 313 -4.07 -16.85 15.53
N ARG A 314 -5.40 -17.00 15.41
CA ARG A 314 -6.31 -16.60 16.46
C ARG A 314 -5.90 -17.19 17.80
N GLU A 315 -5.76 -16.31 18.80
CA GLU A 315 -5.49 -16.67 20.20
C GLU A 315 -4.19 -17.42 20.48
N LYS A 316 -3.21 -17.33 19.58
CA LYS A 316 -1.89 -17.90 19.84
C LYS A 316 -0.86 -16.77 19.94
N PRO A 317 -0.07 -16.73 21.04
CA PRO A 317 0.93 -15.67 21.13
C PRO A 317 2.05 -15.92 20.15
N VAL A 318 2.55 -14.83 19.56
CA VAL A 318 3.63 -14.90 18.58
C VAL A 318 4.68 -13.86 19.02
N ARG A 319 5.94 -14.29 19.13
CA ARG A 319 6.97 -13.39 19.60
C ARG A 319 7.17 -12.30 18.52
N VAL A 320 7.38 -11.05 18.95
CA VAL A 320 7.54 -9.94 17.96
C VAL A 320 8.66 -9.01 18.33
N ASP A 321 9.33 -8.39 17.34
CA ASP A 321 10.29 -7.36 17.63
C ASP A 321 9.48 -6.14 17.99
N ARG A 322 10.15 -5.11 18.53
CA ARG A 322 9.45 -3.93 19.02
C ARG A 322 8.83 -3.06 17.93
N ASN A 323 9.48 -2.97 16.77
CA ASN A 323 8.84 -2.27 15.62
C ASN A 323 7.45 -2.87 15.30
N THR A 324 7.39 -4.20 15.21
CA THR A 324 6.15 -4.91 14.96
C THR A 324 5.11 -4.66 16.07
N ALA A 325 5.53 -4.73 17.33
CA ALA A 325 4.67 -4.35 18.45
C ALA A 325 4.12 -2.95 18.34
N GLU A 326 4.98 -2.01 18.01
CA GLU A 326 4.57 -0.61 17.86
C GLU A 326 3.61 -0.41 16.70
N ILE A 327 3.86 -1.11 15.59
CA ILE A 327 2.92 -1.09 14.44
C ILE A 327 1.52 -1.57 14.88
N ILE A 328 1.48 -2.66 15.62
CA ILE A 328 0.20 -3.21 16.07
C ILE A 328 -0.46 -2.23 17.03
N ARG A 329 0.30 -1.75 18.01
CA ARG A 329 -0.27 -0.87 19.03
C ARG A 329 -0.79 0.49 18.52
N HIS A 330 -0.05 1.11 17.60
CA HIS A 330 -0.38 2.49 17.22
C HIS A 330 -1.22 2.61 15.97
N SER A 331 -1.33 1.53 15.23
CA SER A 331 -2.14 1.51 14.01
C SER A 331 -3.52 1.08 14.43
N ARG A 332 -4.39 1.00 13.43
CA ARG A 332 -5.78 0.60 13.62
C ARG A 332 -5.87 -0.87 14.05
N LEU A 333 -4.81 -1.66 13.82
CA LEU A 333 -4.79 -3.10 14.13
C LEU A 333 -4.90 -3.43 15.63
N HIS A 334 -4.61 -2.43 16.49
CA HIS A 334 -4.66 -2.63 17.93
C HIS A 334 -6.00 -3.20 18.36
N GLN A 335 -7.04 -2.82 17.62
CA GLN A 335 -8.41 -3.21 17.91
C GLN A 335 -8.57 -4.72 18.02
N TRP A 336 -7.73 -5.45 17.27
CA TRP A 336 -7.78 -6.92 17.20
C TRP A 336 -6.60 -7.64 17.77
N PHE A 337 -5.80 -6.97 18.59
CA PHE A 337 -4.60 -7.58 19.13
C PHE A 337 -4.41 -7.29 20.60
N SER A 338 -3.80 -8.24 21.29
CA SER A 338 -3.16 -8.03 22.60
C SER A 338 -1.64 -8.14 22.44
N VAL A 339 -0.97 -7.08 22.88
CA VAL A 339 0.49 -6.92 22.73
C VAL A 339 1.09 -6.74 24.12
N SER A 340 1.96 -7.67 24.49
CA SER A 340 2.61 -7.58 25.82
C SER A 340 3.52 -6.34 26.01
N ALA A 341 3.79 -6.04 27.28
CA ALA A 341 4.64 -4.93 27.68
C ALA A 341 6.10 -5.14 27.26
N GLU A 342 6.80 -4.07 26.90
CA GLU A 342 8.26 -4.11 26.68
C GLU A 342 8.98 -4.51 27.94
N GLN A 343 9.89 -5.48 27.82
CA GLN A 343 10.84 -5.81 28.86
C GLN A 343 12.14 -5.05 28.59
N GLN A 344 13.21 -5.53 29.21
CA GLN A 344 14.55 -5.04 28.93
C GLN A 344 14.90 -5.47 27.49
N HIS A 345 15.69 -4.65 26.82
CA HIS A 345 16.20 -5.00 25.50
C HIS A 345 16.98 -6.27 25.58
N MET A 346 16.69 -7.16 24.64
CA MET A 346 17.33 -8.48 24.55
C MET A 346 18.26 -8.64 23.35
N GLY A 347 18.57 -7.54 22.67
CA GLY A 347 19.37 -7.63 21.45
C GLY A 347 18.55 -7.70 20.18
N LEU A 348 19.21 -8.04 19.08
CA LEU A 348 18.52 -8.21 17.82
C LEU A 348 17.42 -9.27 17.90
N PHE A 349 16.28 -9.04 17.22
CA PHE A 349 15.15 -9.99 17.25
C PHE A 349 15.45 -11.24 16.45
N LYS A 350 15.45 -12.39 17.13
CA LYS A 350 15.73 -13.66 16.45
C LYS A 350 14.64 -14.72 16.61
N ALA A 351 13.55 -14.37 17.29
CA ALA A 351 12.51 -15.37 17.60
C ALA A 351 11.52 -15.57 16.45
N ASN A 352 12.05 -15.84 15.26
CA ASN A 352 11.26 -15.99 14.03
C ASN A 352 11.99 -17.01 13.16
N ASP A 353 11.25 -17.87 12.45
CA ASP A 353 11.96 -18.95 11.77
C ASP A 353 12.70 -18.44 10.52
N SER A 354 12.46 -17.17 10.17
CA SER A 354 13.21 -16.54 9.08
C SER A 354 13.91 -15.26 9.57
N TYR A 355 14.40 -15.28 10.82
CA TYR A 355 14.96 -14.05 11.37
C TYR A 355 16.14 -13.51 10.51
N ALA A 356 16.96 -14.40 9.94
CA ALA A 356 18.08 -13.97 9.07
C ALA A 356 17.57 -13.08 7.94
N LEU A 357 16.51 -13.51 7.27
CA LEU A 357 15.98 -12.75 6.14
C LEU A 357 15.25 -11.53 6.64
N LEU A 358 14.66 -11.64 7.84
CA LEU A 358 14.02 -10.45 8.44
C LEU A 358 14.95 -9.24 8.51
N HIS A 359 16.23 -9.43 8.80
CA HIS A 359 17.18 -8.33 8.96
C HIS A 359 17.95 -8.03 7.68
N ALA A 360 17.67 -8.77 6.65
CA ALA A 360 18.53 -8.74 5.43
C ALA A 360 18.07 -7.62 4.52
N PRO A 361 18.92 -7.22 3.56
CA PRO A 361 18.43 -6.29 2.53
C PRO A 361 17.11 -6.70 1.82
N LEU A 362 16.32 -5.72 1.40
CA LEU A 362 15.10 -6.04 0.66
C LEU A 362 15.27 -6.95 -0.53
N SER A 363 16.35 -6.78 -1.31
CA SER A 363 16.53 -7.66 -2.46
C SER A 363 16.60 -9.13 -2.08
N MET A 364 17.25 -9.45 -0.94
CA MET A 364 17.29 -10.84 -0.48
C MET A 364 15.92 -11.30 -0.06
N GLN A 365 15.16 -10.45 0.65
CA GLN A 365 13.80 -10.84 1.05
C GLN A 365 12.93 -11.15 -0.17
N VAL A 366 13.02 -10.28 -1.18
CA VAL A 366 12.19 -10.38 -2.39
C VAL A 366 12.60 -11.60 -3.23
N GLU A 367 13.89 -11.73 -3.47
CA GLU A 367 14.41 -12.80 -4.29
C GLU A 367 14.12 -14.18 -3.67
N GLN A 368 14.24 -14.28 -2.35
CA GLN A 368 13.94 -15.54 -1.68
C GLN A 368 12.45 -15.81 -1.60
N LEU A 369 11.61 -14.78 -1.50
CA LEU A 369 10.15 -15.02 -1.44
C LEU A 369 9.55 -15.49 -2.78
N VAL A 370 10.12 -15.04 -3.90
CA VAL A 370 9.73 -15.58 -5.22
C VAL A 370 10.11 -17.07 -5.42
N SER A 371 11.26 -17.49 -4.89
CA SER A 371 11.77 -18.87 -5.03
C SER A 371 10.69 -19.93 -4.79
#